data_5WAK
#
_entry.id   5WAK
#
_cell.length_a   105.976
_cell.length_b   107.696
_cell.length_c   107.769
_cell.angle_alpha   90.00
_cell.angle_beta   90.00
_cell.angle_gamma   90.00
#
_symmetry.space_group_name_H-M   'P 21 21 21'
#
loop_
_entity.id
_entity.type
_entity.pdbx_description
1 polymer 'Histone-binding protein RBBP4'
2 polymer 'Polycomb protein SUZ12'
3 non-polymer 'ZINC ION'
#
loop_
_entity_poly.entity_id
_entity_poly.type
_entity_poly.pdbx_seq_one_letter_code
_entity_poly.pdbx_strand_id
1 'polypeptide(L)'
;MSHHHHHHLVPRGSMADKEAAFDDAVEERVINEEYKIWKKNTPFLYDLVMTHALEWPSLTAQWLPDVTRPEGKDFSIHRL
VLGTHTSDEQNHLVIASVQLPNDDAQFDASHYDSEKGEFGGFGSVSGKIEIEIKINHEGEVNRARYMPQNPCIIATKTPS
SDVLVFDYTKHPSKPDPSGECNPDLRLRGHQKEGYGLSWNPNLSGHLLSASDDHTICLWDISAVPKEGKVVDAKTIFTGH
TAVVEDVSWHLLHESLFGSVADDQKLMIWDTRSNNTSKPSHSVDAHTAEVNCLSFNPYSEFILATGSADKTVALWDLRNL
KLKLHSFESHKDEIFQVQWSPHNETILASSGTDRRLNVWDLSKIGEEQSPEDAEDGPPELLFIHGGHTAKISDFSWNPNE
PWVICSVSEDNIMQVWQMAENIYNDEDPEGSVDPEGQGS
;
A
2 'polypeptide(L)'
;MEHVQADHELFLQAFEKPTQIYRFLRTRNLIAPIFLHRTLTYMSHRNSRTNIKRKTFKVDDMLSKVEKMKGEQESHSLSA
HLQLTFTGFFHKNDKPSPNSENEQNSVTLEVLLVKVCHKKRKDVSCPIRQVPTGKKQVPLNPDLNQTKPGNFPSLAVSSN
EFEPSNSHMVKSYSLLFRVTRPGRREFNGMINGETNENIDVNEELPARRKRNREDGEKTFVAQMTVFDKNRRLQLLDGEY
EVAMQEMEECPISKKRATWETILDGKRLPPFETFSQGPTLQFTLRWTGETNDKSTAPIAKPLATRNSESLHQENKPGSVK
PTQTIAVKESLTTDLQTRKEKDTPNENRQKLRIFYQFLYNNNTRQQTEARDDLHCPWCTLNCRKLYSLLKHLKLCHSRFI
FNYVYHPKGARIDVSINECYDGSYAGNPQDIHRQPGFAFSRNGPVKRTPITHILVCRPKRTKASMSEFLEWSHPQFEK
;
B
#
loop_
_chem_comp.id
_chem_comp.type
_chem_comp.name
_chem_comp.formula
ZN non-polymer 'ZINC ION' 'Zn 2'
#
# COMPACT_ATOMS: atom_id res chain seq x y z
N PHE A 22 19.46 6.54 18.76
CA PHE A 22 19.86 5.20 18.31
C PHE A 22 18.74 4.17 18.48
N ASP A 23 17.52 4.67 18.75
CA ASP A 23 16.30 3.89 18.85
C ASP A 23 15.95 3.37 17.44
N ASP A 24 16.45 4.08 16.39
CA ASP A 24 16.31 3.76 14.98
C ASP A 24 17.06 2.45 14.63
N ALA A 25 18.19 2.20 15.32
CA ALA A 25 19.00 1.01 15.16
C ALA A 25 18.33 -0.22 15.80
N VAL A 26 17.51 0.03 16.85
CA VAL A 26 16.70 -0.99 17.54
C VAL A 26 15.53 -1.27 16.61
N GLU A 27 14.85 -0.19 16.18
CA GLU A 27 13.72 -0.19 15.25
C GLU A 27 13.97 -1.10 14.06
N GLU A 28 15.24 -1.23 13.61
CA GLU A 28 15.63 -2.11 12.50
C GLU A 28 15.37 -3.59 12.81
N ARG A 29 15.93 -4.11 13.94
CA ARG A 29 15.73 -5.52 14.34
C ARG A 29 14.25 -5.81 14.59
N VAL A 30 13.58 -4.92 15.37
CA VAL A 30 12.16 -5.01 15.68
C VAL A 30 11.31 -5.11 14.39
N ILE A 31 11.76 -4.43 13.31
CA ILE A 31 11.11 -4.53 12.01
C ILE A 31 11.32 -5.94 11.43
N ASN A 32 12.57 -6.44 11.46
CA ASN A 32 12.91 -7.72 10.88
C ASN A 32 12.37 -8.91 11.64
N GLU A 33 12.15 -8.79 12.99
CA GLU A 33 11.54 -9.84 13.79
C GLU A 33 10.09 -9.96 13.35
N GLU A 34 9.45 -8.80 13.11
CA GLU A 34 8.08 -8.73 12.64
C GLU A 34 7.97 -9.16 11.14
N TYR A 35 9.02 -8.93 10.30
CA TYR A 35 9.00 -9.37 8.89
C TYR A 35 9.02 -10.88 8.82
N LYS A 36 9.75 -11.51 9.77
CA LYS A 36 9.82 -12.97 9.90
C LYS A 36 8.40 -13.51 10.23
N ILE A 37 7.74 -12.94 11.27
CA ILE A 37 6.41 -13.36 11.71
C ILE A 37 5.41 -13.27 10.59
N TRP A 38 5.48 -12.20 9.78
CA TRP A 38 4.63 -11.96 8.63
C TRP A 38 4.84 -13.07 7.67
N LYS A 39 6.10 -13.25 7.20
CA LYS A 39 6.52 -14.29 6.27
C LYS A 39 5.88 -15.62 6.64
N LYS A 40 6.18 -16.11 7.86
CA LYS A 40 5.67 -17.37 8.46
C LYS A 40 4.13 -17.60 8.33
N ASN A 41 3.36 -16.52 8.29
CA ASN A 41 1.92 -16.50 8.24
C ASN A 41 1.40 -16.18 6.84
N THR A 42 2.26 -15.73 5.91
CA THR A 42 1.79 -15.38 4.56
C THR A 42 0.85 -16.46 3.99
N PRO A 43 1.17 -17.79 4.10
CA PRO A 43 0.25 -18.85 3.63
C PRO A 43 -1.19 -18.78 4.10
N PHE A 44 -1.43 -18.15 5.26
CA PHE A 44 -2.74 -18.07 5.86
C PHE A 44 -3.36 -16.74 5.67
N LEU A 45 -2.74 -15.85 4.87
CA LEU A 45 -3.31 -14.50 4.62
C LEU A 45 -3.46 -14.16 3.14
N TYR A 46 -2.72 -14.91 2.28
CA TYR A 46 -2.64 -14.63 0.86
C TYR A 46 -2.98 -15.81 -0.01
N ASP A 47 -3.44 -15.50 -1.24
CA ASP A 47 -3.64 -16.49 -2.28
C ASP A 47 -2.41 -16.39 -3.15
N LEU A 48 -1.70 -15.22 -3.09
CA LEU A 48 -0.46 -14.99 -3.82
C LEU A 48 0.46 -13.97 -3.15
N VAL A 49 1.78 -14.28 -3.08
CA VAL A 49 2.87 -13.37 -2.68
C VAL A 49 4.07 -13.68 -3.56
N MET A 50 4.51 -12.65 -4.31
CA MET A 50 5.71 -12.64 -5.13
C MET A 50 6.49 -11.45 -4.64
N THR A 51 7.75 -11.66 -4.31
CA THR A 51 8.59 -10.60 -3.75
C THR A 51 9.83 -10.48 -4.62
N HIS A 52 10.07 -9.28 -5.14
CA HIS A 52 11.18 -9.04 -6.03
C HIS A 52 11.96 -7.78 -5.66
N ALA A 53 13.30 -7.91 -5.60
CA ALA A 53 14.23 -6.81 -5.30
C ALA A 53 14.64 -6.13 -6.59
N LEU A 54 14.08 -4.95 -6.87
CA LEU A 54 14.40 -4.18 -8.06
C LEU A 54 15.85 -3.68 -7.90
N GLU A 55 16.68 -3.79 -8.97
CA GLU A 55 18.09 -3.36 -9.01
C GLU A 55 18.27 -2.01 -8.29
N TRP A 56 17.41 -1.06 -8.65
CA TRP A 56 17.32 0.28 -8.09
C TRP A 56 15.87 0.47 -7.62
N PRO A 57 15.63 1.20 -6.48
CA PRO A 57 14.24 1.36 -6.01
C PRO A 57 13.36 2.21 -6.94
N SER A 58 12.01 2.03 -6.86
CA SER A 58 11.05 2.75 -7.68
C SER A 58 10.14 3.60 -6.84
N LEU A 59 9.84 4.82 -7.31
CA LEU A 59 8.94 5.81 -6.67
C LEU A 59 7.53 5.77 -7.33
N THR A 60 7.36 4.85 -8.29
CA THR A 60 6.13 4.67 -9.05
C THR A 60 5.86 3.20 -9.37
N ALA A 61 4.58 2.90 -9.50
CA ALA A 61 4.02 1.62 -9.90
C ALA A 61 2.65 1.84 -10.59
N GLN A 62 2.54 1.33 -11.82
CA GLN A 62 1.30 1.36 -12.56
C GLN A 62 1.15 0.16 -13.44
N TRP A 63 0.20 -0.68 -13.09
CA TRP A 63 -0.17 -1.83 -13.88
C TRP A 63 -0.66 -1.33 -15.25
N LEU A 64 -0.03 -1.79 -16.34
CA LEU A 64 -0.48 -1.47 -17.69
C LEU A 64 -1.79 -2.24 -17.95
N PRO A 65 -2.66 -1.82 -18.88
CA PRO A 65 -3.97 -2.50 -19.00
C PRO A 65 -4.03 -3.78 -19.79
N ASP A 66 -3.00 -4.06 -20.60
CA ASP A 66 -2.91 -5.24 -21.48
C ASP A 66 -2.57 -6.55 -20.77
N VAL A 67 -3.01 -7.68 -21.36
CA VAL A 67 -2.72 -9.03 -20.85
C VAL A 67 -2.46 -9.98 -22.00
N THR A 68 -1.33 -10.67 -21.93
CA THR A 68 -0.97 -11.68 -22.92
C THR A 68 -1.39 -13.00 -22.29
N ARG A 69 -2.29 -13.74 -22.94
CA ARG A 69 -2.73 -15.02 -22.42
C ARG A 69 -2.29 -16.11 -23.40
N PRO A 70 -1.02 -16.60 -23.25
CA PRO A 70 -0.50 -17.58 -24.21
C PRO A 70 -1.27 -18.89 -24.22
N GLU A 71 -1.49 -19.41 -25.44
CA GLU A 71 -2.21 -20.65 -25.73
C GLU A 71 -1.60 -21.82 -24.97
N GLY A 72 -2.43 -22.45 -24.15
CA GLY A 72 -2.08 -23.63 -23.35
C GLY A 72 -0.94 -23.49 -22.37
N LYS A 73 -0.74 -22.26 -21.83
CA LYS A 73 0.30 -22.03 -20.81
C LYS A 73 -0.32 -21.94 -19.40
N ASP A 74 0.48 -22.23 -18.36
CA ASP A 74 0.00 -22.22 -16.96
C ASP A 74 0.03 -20.82 -16.31
N PHE A 75 0.08 -19.74 -17.13
CA PHE A 75 0.15 -18.34 -16.68
C PHE A 75 -0.29 -17.36 -17.76
N SER A 76 -0.26 -16.05 -17.38
CA SER A 76 -0.59 -14.86 -18.17
C SER A 76 0.55 -13.84 -18.00
N ILE A 77 0.72 -12.93 -18.98
CA ILE A 77 1.76 -11.90 -18.90
C ILE A 77 1.13 -10.56 -18.64
N HIS A 78 1.48 -9.97 -17.51
CA HIS A 78 1.03 -8.66 -17.06
C HIS A 78 2.23 -7.70 -17.06
N ARG A 79 2.04 -6.43 -17.47
CA ARG A 79 3.15 -5.48 -17.52
C ARG A 79 2.97 -4.30 -16.58
N LEU A 80 4.08 -3.76 -16.04
CA LEU A 80 4.09 -2.67 -15.07
C LEU A 80 4.94 -1.48 -15.52
N VAL A 81 4.47 -0.26 -15.21
CA VAL A 81 5.17 1.00 -15.55
C VAL A 81 5.89 1.47 -14.29
N LEU A 82 7.11 0.94 -14.14
CA LEU A 82 8.01 1.24 -13.03
C LEU A 82 9.06 2.29 -13.44
N GLY A 83 9.87 2.71 -12.48
CA GLY A 83 10.93 3.69 -12.68
C GLY A 83 12.09 3.44 -11.73
N THR A 84 13.11 4.32 -11.77
CA THR A 84 14.27 4.17 -10.89
C THR A 84 14.41 5.37 -9.94
N HIS A 85 15.39 5.27 -9.04
CA HIS A 85 15.81 6.28 -8.06
C HIS A 85 17.23 5.85 -7.70
N THR A 86 18.23 6.60 -8.18
CA THR A 86 19.63 6.23 -8.00
C THR A 86 20.40 7.16 -7.08
N SER A 87 21.52 6.62 -6.58
CA SER A 87 22.51 7.32 -5.77
C SER A 87 23.70 7.46 -6.71
N ASP A 88 23.75 8.57 -7.45
CA ASP A 88 24.77 8.89 -8.45
C ASP A 88 24.98 7.76 -9.49
N GLU A 89 23.90 7.45 -10.26
CA GLU A 89 23.84 6.46 -11.35
C GLU A 89 22.76 6.88 -12.38
N GLN A 90 22.76 6.27 -13.60
CA GLN A 90 21.81 6.60 -14.69
C GLN A 90 20.42 6.10 -14.41
N ASN A 91 19.41 6.99 -14.53
CA ASN A 91 18.02 6.64 -14.27
C ASN A 91 17.27 6.17 -15.51
N HIS A 92 16.24 5.32 -15.29
CA HIS A 92 15.45 4.73 -16.38
C HIS A 92 13.96 4.74 -16.18
N LEU A 93 13.25 4.80 -17.32
CA LEU A 93 11.82 4.59 -17.41
C LEU A 93 11.73 3.09 -17.69
N VAL A 94 11.16 2.36 -16.73
CA VAL A 94 11.07 0.91 -16.75
C VAL A 94 9.68 0.40 -17.11
N ILE A 95 9.66 -0.73 -17.81
CA ILE A 95 8.50 -1.56 -18.13
C ILE A 95 8.96 -2.98 -17.90
N ALA A 96 8.48 -3.57 -16.80
CA ALA A 96 8.80 -4.94 -16.47
C ALA A 96 7.58 -5.81 -16.77
N SER A 97 7.76 -7.13 -16.78
CA SER A 97 6.69 -8.09 -17.03
C SER A 97 6.56 -9.07 -15.87
N VAL A 98 5.33 -9.30 -15.44
CA VAL A 98 4.92 -10.17 -14.35
C VAL A 98 4.14 -11.35 -14.92
N GLN A 99 4.60 -12.56 -14.60
CA GLN A 99 3.91 -13.76 -15.03
C GLN A 99 3.01 -14.22 -13.91
N LEU A 100 1.70 -14.18 -14.15
CA LEU A 100 0.71 -14.53 -13.13
C LEU A 100 0.00 -15.82 -13.47
N PRO A 101 0.02 -16.78 -12.51
CA PRO A 101 -0.56 -18.11 -12.77
C PRO A 101 -2.02 -18.15 -13.15
N ASN A 102 -2.40 -19.17 -13.89
CA ASN A 102 -3.81 -19.30 -14.18
C ASN A 102 -4.48 -20.08 -13.06
N ASP A 103 -5.80 -19.94 -12.95
CA ASP A 103 -6.68 -20.48 -11.91
C ASP A 103 -6.52 -21.99 -11.65
N ASP A 104 -6.54 -22.80 -12.72
CA ASP A 104 -6.33 -24.24 -12.60
C ASP A 104 -4.89 -24.56 -12.15
N ALA A 105 -3.89 -23.86 -12.75
CA ALA A 105 -2.46 -24.02 -12.47
C ALA A 105 -2.02 -23.64 -11.06
N GLN A 106 -0.87 -24.20 -10.59
CA GLN A 106 -0.32 -23.92 -9.27
C GLN A 106 1.02 -23.13 -9.37
N PHE A 107 2.16 -23.81 -9.65
CA PHE A 107 3.56 -23.31 -9.78
C PHE A 107 4.06 -22.43 -8.60
N ASP A 108 5.17 -22.85 -7.98
CA ASP A 108 5.85 -22.16 -6.87
C ASP A 108 7.36 -22.11 -7.15
N ALA A 109 8.00 -20.96 -6.84
CA ALA A 109 9.44 -20.71 -7.02
C ALA A 109 10.06 -19.85 -5.89
N SER A 110 11.39 -19.64 -5.94
CA SER A 110 12.20 -18.84 -5.02
C SER A 110 13.53 -18.46 -5.72
N HIS A 111 13.40 -18.19 -7.05
CA HIS A 111 14.41 -17.79 -8.05
C HIS A 111 15.68 -17.18 -7.46
N VAL A 125 15.41 -21.17 -9.92
CA VAL A 125 15.83 -20.20 -10.92
C VAL A 125 14.94 -20.28 -12.20
N SER A 126 13.99 -19.33 -12.33
CA SER A 126 12.99 -19.22 -13.41
C SER A 126 12.68 -17.75 -13.78
N GLY A 127 12.00 -17.54 -14.90
CA GLY A 127 11.61 -16.20 -15.34
C GLY A 127 10.19 -15.81 -14.98
N LYS A 128 9.99 -15.07 -13.86
CA LYS A 128 8.65 -14.67 -13.42
C LYS A 128 8.41 -13.15 -13.53
N ILE A 129 9.36 -12.33 -13.00
CA ILE A 129 9.34 -10.85 -13.04
C ILE A 129 10.66 -10.44 -13.70
N GLU A 130 10.60 -9.63 -14.78
CA GLU A 130 11.79 -9.18 -15.50
C GLU A 130 11.53 -7.95 -16.35
N ILE A 131 12.53 -7.07 -16.51
CA ILE A 131 12.44 -5.84 -17.31
C ILE A 131 12.34 -6.17 -18.80
N GLU A 132 11.35 -5.59 -19.46
CA GLU A 132 11.13 -5.75 -20.88
C GLU A 132 11.88 -4.63 -21.65
N ILE A 133 11.73 -3.36 -21.17
CA ILE A 133 12.35 -2.14 -21.72
C ILE A 133 12.88 -1.26 -20.59
N LYS A 134 14.06 -0.67 -20.79
CA LYS A 134 14.69 0.27 -19.87
C LYS A 134 15.07 1.49 -20.71
N ILE A 135 14.23 2.54 -20.68
CA ILE A 135 14.48 3.75 -21.46
C ILE A 135 15.27 4.76 -20.60
N ASN A 136 16.21 5.49 -21.22
CA ASN A 136 17.05 6.49 -20.54
C ASN A 136 16.18 7.65 -20.04
N HIS A 137 16.30 7.99 -18.74
CA HIS A 137 15.54 9.06 -18.08
C HIS A 137 16.50 10.03 -17.38
N GLU A 138 16.27 11.37 -17.53
CA GLU A 138 17.14 12.40 -16.95
C GLU A 138 16.62 12.88 -15.57
N GLY A 139 16.98 12.11 -14.54
CA GLY A 139 16.64 12.31 -13.15
C GLY A 139 15.82 11.14 -12.62
N GLU A 140 15.64 11.04 -11.30
CA GLU A 140 14.84 9.95 -10.69
C GLU A 140 13.37 10.14 -11.08
N VAL A 141 12.69 9.04 -11.49
CA VAL A 141 11.28 9.11 -11.91
C VAL A 141 10.39 9.25 -10.68
N ASN A 142 9.80 10.46 -10.50
CA ASN A 142 8.91 10.78 -9.38
C ASN A 142 7.61 10.01 -9.50
N ARG A 143 7.02 10.06 -10.71
CA ARG A 143 5.78 9.36 -11.12
C ARG A 143 5.86 9.12 -12.62
N ALA A 144 5.23 8.02 -13.06
CA ALA A 144 5.14 7.62 -14.46
C ALA A 144 3.73 7.08 -14.67
N ARG A 145 3.00 7.71 -15.58
CA ARG A 145 1.62 7.35 -15.84
C ARG A 145 1.36 7.23 -17.32
N TYR A 146 0.74 6.12 -17.77
CA TYR A 146 0.42 5.95 -19.19
C TYR A 146 -0.88 6.66 -19.56
N MET A 147 -1.03 6.98 -20.87
CA MET A 147 -2.20 7.62 -21.47
C MET A 147 -3.25 6.52 -21.63
N PRO A 148 -4.44 6.61 -21.00
CA PRO A 148 -5.43 5.55 -21.15
C PRO A 148 -5.76 5.26 -22.62
N GLN A 149 -5.91 6.34 -23.40
CA GLN A 149 -6.23 6.36 -24.83
C GLN A 149 -5.20 5.57 -25.66
N ASN A 150 -3.89 5.71 -25.36
CA ASN A 150 -2.79 5.03 -26.04
C ASN A 150 -1.71 4.69 -24.99
N PRO A 151 -1.82 3.50 -24.34
CA PRO A 151 -0.90 3.15 -23.23
C PRO A 151 0.58 2.98 -23.56
N CYS A 152 0.98 3.27 -24.81
CA CYS A 152 2.38 3.25 -25.25
C CYS A 152 3.04 4.56 -24.83
N ILE A 153 2.22 5.62 -24.63
CA ILE A 153 2.60 6.96 -24.21
C ILE A 153 2.55 7.05 -22.69
N ILE A 154 3.70 7.37 -22.09
CA ILE A 154 3.91 7.49 -20.64
C ILE A 154 4.42 8.89 -20.28
N ALA A 155 3.67 9.59 -19.44
CA ALA A 155 4.07 10.90 -18.93
C ALA A 155 4.95 10.63 -17.73
N THR A 156 5.87 11.55 -17.38
CA THR A 156 6.74 11.36 -16.21
C THR A 156 6.99 12.64 -15.45
N LYS A 157 7.00 12.54 -14.12
CA LYS A 157 7.35 13.66 -13.25
C LYS A 157 8.82 13.47 -12.90
N THR A 158 9.62 14.50 -13.21
CA THR A 158 11.08 14.51 -13.10
C THR A 158 11.53 15.47 -11.97
N PRO A 159 12.70 15.24 -11.30
CA PRO A 159 13.14 16.16 -10.24
C PRO A 159 13.38 17.57 -10.78
N SER A 160 13.65 17.66 -12.09
CA SER A 160 13.81 18.93 -12.79
C SER A 160 12.40 19.44 -13.06
N SER A 161 12.25 20.77 -13.14
CA SER A 161 11.00 21.50 -13.37
C SER A 161 10.01 20.81 -14.37
N ASP A 162 10.52 20.47 -15.57
CA ASP A 162 9.82 19.91 -16.73
C ASP A 162 9.24 18.50 -16.57
N VAL A 163 8.11 18.27 -17.27
CA VAL A 163 7.37 16.99 -17.34
C VAL A 163 7.62 16.42 -18.72
N LEU A 164 8.03 15.15 -18.79
CA LEU A 164 8.37 14.49 -20.05
C LEU A 164 7.36 13.43 -20.50
N VAL A 165 7.20 13.26 -21.81
CA VAL A 165 6.30 12.26 -22.38
C VAL A 165 7.10 11.35 -23.30
N PHE A 166 7.03 10.04 -23.07
CA PHE A 166 7.74 9.07 -23.90
C PHE A 166 6.82 8.05 -24.50
N ASP A 167 7.09 7.68 -25.75
CA ASP A 167 6.42 6.59 -26.45
C ASP A 167 7.44 5.42 -26.41
N TYR A 168 7.19 4.37 -25.58
CA TYR A 168 8.12 3.24 -25.42
C TYR A 168 8.37 2.48 -26.74
N THR A 169 7.47 2.63 -27.72
CA THR A 169 7.60 2.02 -29.04
C THR A 169 8.61 2.82 -29.87
N LYS A 170 8.73 4.14 -29.58
CA LYS A 170 9.65 5.07 -30.26
C LYS A 170 11.12 4.95 -29.79
N HIS A 171 11.39 4.16 -28.73
CA HIS A 171 12.74 3.94 -28.19
C HIS A 171 13.09 2.43 -28.18
N PRO A 172 14.38 2.04 -28.32
CA PRO A 172 14.72 0.61 -28.29
C PRO A 172 14.55 -0.06 -26.94
N SER A 173 14.25 -1.39 -26.98
CA SER A 173 14.05 -2.27 -25.82
C SER A 173 15.33 -2.41 -24.97
N LYS A 174 16.51 -2.29 -25.63
CA LYS A 174 17.83 -2.27 -24.99
C LYS A 174 18.31 -0.79 -25.04
N PRO A 175 18.66 -0.16 -23.89
CA PRO A 175 19.00 1.28 -23.92
C PRO A 175 20.35 1.66 -24.53
N ASP A 176 20.50 2.97 -24.78
CA ASP A 176 21.71 3.60 -25.29
C ASP A 176 22.63 3.84 -24.09
N PRO A 177 23.89 3.34 -24.12
CA PRO A 177 24.79 3.53 -22.96
C PRO A 177 25.37 4.94 -22.81
N SER A 178 25.00 5.86 -23.73
CA SER A 178 25.43 7.25 -23.71
C SER A 178 24.77 8.01 -22.56
N GLY A 179 23.61 7.52 -22.13
CA GLY A 179 22.80 8.10 -21.08
C GLY A 179 21.82 9.11 -21.66
N GLU A 180 22.09 9.49 -22.93
CA GLU A 180 21.36 10.44 -23.77
C GLU A 180 19.88 10.14 -23.69
N CYS A 181 19.17 10.94 -22.90
CA CYS A 181 17.73 10.83 -22.73
C CYS A 181 17.06 11.78 -23.75
N ASN A 182 16.23 11.21 -24.63
CA ASN A 182 15.49 11.94 -25.66
C ASN A 182 14.01 11.83 -25.33
N PRO A 183 13.46 12.76 -24.52
CA PRO A 183 12.01 12.68 -24.21
C PRO A 183 11.25 13.00 -25.49
N ASP A 184 10.28 12.14 -25.89
CA ASP A 184 9.51 12.37 -27.13
C ASP A 184 8.91 13.78 -27.17
N LEU A 185 8.45 14.27 -25.99
CA LEU A 185 7.94 15.62 -25.76
C LEU A 185 8.35 16.11 -24.35
N ARG A 186 8.68 17.40 -24.26
CA ARG A 186 9.05 18.14 -23.04
C ARG A 186 7.90 19.11 -22.77
N LEU A 187 7.45 19.20 -21.52
CA LEU A 187 6.32 20.05 -21.15
C LEU A 187 6.65 21.00 -19.99
N ARG A 188 6.83 22.28 -20.34
CA ARG A 188 7.21 23.34 -19.41
C ARG A 188 6.01 24.16 -18.92
N GLY A 189 6.11 24.61 -17.67
CA GLY A 189 5.08 25.39 -16.99
C GLY A 189 5.28 25.37 -15.48
N HIS A 190 6.01 24.36 -14.99
CA HIS A 190 6.31 24.20 -13.57
C HIS A 190 7.69 24.71 -13.29
N GLN A 191 7.87 25.34 -12.13
CA GLN A 191 9.15 25.88 -11.68
C GLN A 191 9.87 24.88 -10.78
N LYS A 192 9.13 23.94 -10.19
CA LYS A 192 9.65 22.92 -9.28
C LYS A 192 9.23 21.50 -9.70
N GLU A 193 9.73 20.51 -8.97
CA GLU A 193 9.34 19.12 -9.16
C GLU A 193 8.07 18.91 -8.33
N GLY A 194 7.32 17.85 -8.66
CA GLY A 194 6.09 17.47 -7.98
C GLY A 194 5.80 15.99 -8.16
N TYR A 195 4.59 15.53 -7.84
CA TYR A 195 4.29 14.10 -7.99
C TYR A 195 2.96 13.83 -8.70
N GLY A 196 1.94 14.65 -8.43
CA GLY A 196 0.62 14.57 -9.05
C GLY A 196 0.70 14.59 -10.56
N LEU A 197 0.07 13.59 -11.20
CA LEU A 197 0.07 13.43 -12.65
C LEU A 197 -1.22 12.72 -13.09
N SER A 198 -1.99 13.33 -14.01
CA SER A 198 -3.25 12.74 -14.44
C SER A 198 -3.58 12.96 -15.91
N TRP A 199 -3.87 11.87 -16.64
CA TRP A 199 -4.28 11.94 -18.05
C TRP A 199 -5.81 11.94 -18.04
N ASN A 200 -6.44 12.79 -18.85
CA ASN A 200 -7.91 12.86 -18.92
C ASN A 200 -8.38 11.66 -19.71
N PRO A 201 -9.23 10.80 -19.11
CA PRO A 201 -9.73 9.64 -19.87
C PRO A 201 -10.62 10.06 -21.05
N ASN A 202 -11.62 10.88 -20.78
CA ASN A 202 -12.62 11.30 -21.73
C ASN A 202 -12.14 12.36 -22.76
N LEU A 203 -10.91 12.87 -22.57
CA LEU A 203 -10.29 13.87 -23.45
C LEU A 203 -8.85 13.47 -23.71
N SER A 204 -8.55 12.92 -24.90
CA SER A 204 -7.19 12.50 -25.24
C SER A 204 -6.17 13.64 -25.20
N GLY A 205 -4.96 13.33 -24.72
CA GLY A 205 -3.86 14.28 -24.65
C GLY A 205 -3.85 15.27 -23.50
N HIS A 206 -4.98 15.43 -22.77
CA HIS A 206 -5.06 16.33 -21.62
C HIS A 206 -4.35 15.74 -20.37
N LEU A 207 -3.24 16.37 -19.98
CA LEU A 207 -2.40 15.89 -18.90
C LEU A 207 -2.25 16.98 -17.84
N LEU A 208 -2.41 16.62 -16.55
CA LEU A 208 -2.32 17.53 -15.40
C LEU A 208 -1.16 17.21 -14.50
N SER A 209 -0.48 18.26 -14.04
CA SER A 209 0.64 18.12 -13.11
C SER A 209 0.49 19.04 -11.91
N ALA A 210 0.87 18.51 -10.73
CA ALA A 210 0.87 19.16 -9.44
C ALA A 210 2.33 19.35 -9.07
N SER A 211 2.68 20.51 -8.49
CA SER A 211 4.06 20.76 -8.11
C SER A 211 4.21 21.57 -6.83
N ASP A 212 5.40 21.50 -6.22
CA ASP A 212 5.80 22.21 -5.01
C ASP A 212 5.69 23.74 -5.19
N ASP A 213 5.47 24.19 -6.44
CA ASP A 213 5.32 25.59 -6.84
C ASP A 213 3.88 26.09 -6.75
N HIS A 214 2.97 25.33 -6.08
CA HIS A 214 1.56 25.67 -5.83
C HIS A 214 0.67 25.74 -7.09
N THR A 215 1.23 25.43 -8.26
CA THR A 215 0.49 25.48 -9.52
C THR A 215 0.15 24.08 -10.06
N ILE A 216 -0.90 24.04 -10.89
CA ILE A 216 -1.37 22.88 -11.63
C ILE A 216 -1.26 23.32 -13.10
N CYS A 217 -0.50 22.55 -13.92
CA CYS A 217 -0.32 22.83 -15.33
C CYS A 217 -1.12 21.86 -16.15
N LEU A 218 -1.70 22.35 -17.24
CA LEU A 218 -2.56 21.55 -18.12
C LEU A 218 -2.02 21.55 -19.53
N TRP A 219 -1.59 20.39 -20.00
CA TRP A 219 -1.07 20.28 -21.35
C TRP A 219 -2.06 19.51 -22.25
N ASP A 220 -2.21 19.94 -23.53
CA ASP A 220 -3.04 19.26 -24.53
C ASP A 220 -2.13 18.87 -25.68
N ILE A 221 -1.76 17.58 -25.73
CA ILE A 221 -0.85 17.08 -26.75
C ILE A 221 -1.60 16.46 -27.96
N SER A 222 -2.92 16.14 -27.81
CA SER A 222 -3.79 15.53 -28.84
C SER A 222 -3.68 16.31 -30.15
N ALA A 223 -4.33 17.47 -30.22
CA ALA A 223 -4.15 18.41 -31.30
C ALA A 223 -2.87 19.10 -30.80
N VAL A 224 -2.09 19.72 -31.69
CA VAL A 224 -0.81 20.33 -31.32
C VAL A 224 0.24 19.16 -31.06
N PRO A 225 0.24 18.05 -31.87
CA PRO A 225 1.28 17.03 -31.66
C PRO A 225 2.56 17.46 -32.40
N LYS A 226 2.39 17.94 -33.67
CA LYS A 226 3.37 18.49 -34.60
C LYS A 226 4.74 17.79 -34.58
N GLU A 227 5.82 18.59 -34.49
CA GLU A 227 7.22 18.14 -34.41
C GLU A 227 7.80 18.71 -33.10
N GLY A 228 7.83 20.05 -33.01
CA GLY A 228 8.31 20.86 -31.88
C GLY A 228 8.23 20.19 -30.53
N LYS A 229 9.32 19.53 -30.14
CA LYS A 229 9.52 18.75 -28.92
C LYS A 229 9.13 19.45 -27.60
N VAL A 230 9.14 20.80 -27.52
CA VAL A 230 8.75 21.48 -26.28
C VAL A 230 7.32 22.04 -26.40
N VAL A 231 6.49 21.78 -25.37
CA VAL A 231 5.08 22.18 -25.27
C VAL A 231 4.87 22.97 -23.97
N ASP A 232 4.29 24.18 -24.09
CA ASP A 232 3.96 25.05 -22.95
C ASP A 232 2.50 24.86 -22.56
N ALA A 233 2.24 24.76 -21.24
CA ALA A 233 0.91 24.52 -20.65
C ALA A 233 -0.18 25.43 -21.19
N LYS A 234 -1.34 24.82 -21.52
CA LYS A 234 -2.54 25.47 -22.05
C LYS A 234 -3.13 26.37 -20.97
N THR A 235 -3.23 25.84 -19.74
CA THR A 235 -3.78 26.55 -18.58
C THR A 235 -2.95 26.25 -17.34
N ILE A 236 -2.89 27.23 -16.40
CA ILE A 236 -2.18 27.06 -15.13
C ILE A 236 -3.10 27.53 -13.99
N PHE A 237 -3.36 26.62 -13.01
CA PHE A 237 -4.28 26.79 -11.88
C PHE A 237 -3.54 27.17 -10.62
N THR A 238 -3.68 28.46 -10.28
CA THR A 238 -3.03 29.13 -9.16
C THR A 238 -4.03 29.36 -8.03
N GLY A 239 -4.50 28.27 -7.44
CA GLY A 239 -5.45 28.30 -6.34
C GLY A 239 -4.85 28.03 -4.97
N HIS A 240 -4.20 26.84 -4.81
CA HIS A 240 -3.57 26.39 -3.57
C HIS A 240 -2.58 27.39 -2.94
N THR A 241 -2.50 27.42 -1.59
CA THR A 241 -1.65 28.31 -0.78
C THR A 241 -0.33 27.65 -0.26
N ALA A 242 -0.11 26.36 -0.60
CA ALA A 242 1.07 25.54 -0.23
C ALA A 242 1.37 24.52 -1.35
N VAL A 243 2.36 23.62 -1.15
CA VAL A 243 2.76 22.57 -2.12
C VAL A 243 1.54 21.77 -2.55
N VAL A 244 1.33 21.60 -3.88
CA VAL A 244 0.23 20.80 -4.40
C VAL A 244 0.72 19.37 -4.44
N GLU A 245 0.16 18.53 -3.59
CA GLU A 245 0.58 17.14 -3.47
C GLU A 245 0.11 16.27 -4.62
N ASP A 246 -1.21 16.24 -4.90
CA ASP A 246 -1.76 15.43 -5.97
C ASP A 246 -2.74 16.20 -6.79
N VAL A 247 -3.08 15.61 -7.94
CA VAL A 247 -4.05 16.09 -8.92
C VAL A 247 -4.62 14.86 -9.69
N SER A 248 -5.94 14.78 -9.85
CA SER A 248 -6.60 13.74 -10.65
C SER A 248 -7.85 14.27 -11.34
N TRP A 249 -8.07 13.85 -12.59
CA TRP A 249 -9.28 14.21 -13.33
C TRP A 249 -10.47 13.44 -12.75
N HIS A 250 -11.66 13.94 -13.02
CA HIS A 250 -12.89 13.25 -12.69
C HIS A 250 -13.04 12.22 -13.84
N LEU A 251 -13.72 11.11 -13.54
CA LEU A 251 -13.87 9.98 -14.46
C LEU A 251 -15.04 9.98 -15.51
N LEU A 252 -15.93 10.99 -15.49
CA LEU A 252 -17.10 11.03 -16.34
C LEU A 252 -17.21 12.40 -16.89
N HIS A 253 -16.92 13.40 -16.06
CA HIS A 253 -16.91 14.76 -16.57
C HIS A 253 -15.50 15.01 -17.06
N GLU A 254 -15.39 15.54 -18.28
CA GLU A 254 -14.10 15.80 -18.90
C GLU A 254 -13.57 17.17 -18.46
N SER A 255 -14.47 18.03 -17.96
CA SER A 255 -14.16 19.37 -17.49
C SER A 255 -13.89 19.46 -15.97
N LEU A 256 -14.01 18.34 -15.24
CA LEU A 256 -13.77 18.36 -13.79
C LEU A 256 -12.54 17.58 -13.34
N PHE A 257 -11.86 18.09 -12.30
CA PHE A 257 -10.69 17.49 -11.65
C PHE A 257 -10.53 17.97 -10.20
N GLY A 258 -9.79 17.21 -9.42
CA GLY A 258 -9.56 17.52 -8.02
C GLY A 258 -8.10 17.64 -7.67
N SER A 259 -7.81 18.47 -6.67
CA SER A 259 -6.43 18.67 -6.26
C SER A 259 -6.36 18.74 -4.76
N VAL A 260 -5.25 18.27 -4.21
CA VAL A 260 -5.00 18.33 -2.78
C VAL A 260 -3.63 18.94 -2.54
N ALA A 261 -3.49 19.78 -1.52
CA ALA A 261 -2.20 20.41 -1.20
C ALA A 261 -1.88 20.33 0.28
N ASP A 262 -0.75 20.95 0.69
CA ASP A 262 -0.34 21.02 2.09
C ASP A 262 -1.17 22.08 2.82
N ASP A 263 -2.11 22.68 2.04
CA ASP A 263 -3.17 23.63 2.33
C ASP A 263 -4.09 23.08 3.38
N GLN A 264 -4.11 21.71 3.51
CA GLN A 264 -5.01 20.87 4.32
C GLN A 264 -6.39 20.98 3.62
N LYS A 265 -6.37 21.08 2.27
CA LYS A 265 -7.56 21.33 1.50
C LYS A 265 -7.67 20.53 0.24
N LEU A 266 -8.91 20.31 -0.20
CA LEU A 266 -9.22 19.65 -1.46
C LEU A 266 -10.01 20.65 -2.33
N MET A 267 -9.57 20.77 -3.59
CA MET A 267 -10.20 21.68 -4.54
C MET A 267 -10.84 20.93 -5.74
N ILE A 268 -12.05 21.40 -6.15
CA ILE A 268 -12.76 20.84 -7.30
C ILE A 268 -12.73 21.91 -8.35
N TRP A 269 -12.02 21.63 -9.44
CA TRP A 269 -11.83 22.60 -10.50
C TRP A 269 -12.66 22.27 -11.71
N ASP A 270 -13.09 23.31 -12.42
CA ASP A 270 -13.78 23.23 -13.68
C ASP A 270 -12.95 24.02 -14.69
N THR A 271 -12.42 23.28 -15.68
CA THR A 271 -11.60 23.80 -16.77
C THR A 271 -12.34 24.95 -17.48
N ARG A 272 -13.62 24.71 -17.82
CA ARG A 272 -14.56 25.64 -18.46
C ARG A 272 -14.58 27.09 -17.90
N SER A 273 -14.38 27.22 -16.57
CA SER A 273 -14.35 28.51 -15.86
C SER A 273 -13.16 29.37 -16.30
N ASN A 274 -13.34 30.68 -16.25
CA ASN A 274 -12.31 31.62 -16.67
C ASN A 274 -11.35 32.00 -15.55
N ASN A 275 -11.78 31.86 -14.28
CA ASN A 275 -10.96 32.18 -13.12
C ASN A 275 -10.09 30.98 -12.76
N THR A 276 -8.77 31.10 -13.02
CA THR A 276 -7.77 30.08 -12.76
C THR A 276 -7.20 30.22 -11.35
N SER A 277 -7.71 31.17 -10.54
CA SER A 277 -7.32 31.31 -9.15
C SER A 277 -8.38 30.72 -8.20
N LYS A 278 -9.66 30.71 -8.63
CA LYS A 278 -10.76 30.18 -7.82
C LYS A 278 -11.31 28.87 -8.38
N PRO A 279 -11.31 27.79 -7.57
CA PRO A 279 -11.93 26.53 -8.01
C PRO A 279 -13.45 26.58 -7.72
N SER A 280 -14.19 25.58 -8.22
CA SER A 280 -15.63 25.46 -7.97
C SER A 280 -15.90 25.31 -6.48
N HIS A 281 -15.09 24.48 -5.81
CA HIS A 281 -15.16 24.22 -4.37
C HIS A 281 -13.76 24.10 -3.76
N SER A 282 -13.59 24.62 -2.53
CA SER A 282 -12.36 24.52 -1.72
C SER A 282 -12.83 24.01 -0.36
N VAL A 283 -12.66 22.71 -0.15
CA VAL A 283 -13.09 21.91 1.01
C VAL A 283 -11.99 21.89 2.10
N ASP A 284 -12.33 22.09 3.40
CA ASP A 284 -11.32 21.98 4.47
C ASP A 284 -11.22 20.50 4.82
N ALA A 285 -10.61 19.73 3.92
CA ALA A 285 -10.49 18.28 3.95
C ALA A 285 -9.87 17.66 5.22
N HIS A 286 -8.70 18.13 5.69
CA HIS A 286 -8.02 17.48 6.82
C HIS A 286 -7.42 18.39 7.88
N THR A 287 -6.89 17.77 8.96
CA THR A 287 -6.22 18.41 10.09
C THR A 287 -4.69 18.52 9.87
N ALA A 288 -4.24 18.24 8.64
CA ALA A 288 -2.85 18.24 8.22
C ALA A 288 -2.79 18.16 6.71
N GLU A 289 -1.56 18.15 6.19
CA GLU A 289 -1.19 18.08 4.77
C GLU A 289 -1.95 16.98 4.05
N VAL A 290 -2.72 17.31 3.01
CA VAL A 290 -3.41 16.25 2.25
C VAL A 290 -2.38 15.84 1.17
N ASN A 291 -2.16 14.53 0.95
CA ASN A 291 -1.14 14.05 0.02
C ASN A 291 -1.66 13.41 -1.28
N CYS A 292 -2.90 12.89 -1.26
CA CYS A 292 -3.47 12.16 -2.40
C CYS A 292 -5.00 12.19 -2.45
N LEU A 293 -5.55 12.05 -3.68
CA LEU A 293 -6.98 11.96 -3.99
C LEU A 293 -7.22 10.86 -5.02
N SER A 294 -8.39 10.21 -4.94
CA SER A 294 -8.75 9.16 -5.88
C SER A 294 -10.24 9.12 -6.02
N PHE A 295 -10.72 9.19 -7.26
CA PHE A 295 -12.15 9.18 -7.54
C PHE A 295 -12.65 7.77 -7.67
N ASN A 296 -13.82 7.49 -7.15
CA ASN A 296 -14.43 6.17 -7.27
C ASN A 296 -14.83 5.81 -8.76
N PRO A 297 -14.36 4.68 -9.33
CA PRO A 297 -14.73 4.36 -10.72
C PRO A 297 -16.17 3.92 -10.95
N TYR A 298 -16.93 3.71 -9.86
CA TYR A 298 -18.33 3.30 -9.90
C TYR A 298 -19.30 4.44 -9.59
N SER A 299 -18.83 5.47 -8.86
CA SER A 299 -19.63 6.64 -8.51
C SER A 299 -19.13 7.96 -9.14
N GLU A 300 -20.09 8.75 -9.68
CA GLU A 300 -19.75 10.07 -10.25
C GLU A 300 -19.69 11.17 -9.17
N PHE A 301 -19.77 10.78 -7.86
CA PHE A 301 -19.74 11.66 -6.70
C PHE A 301 -18.66 11.32 -5.70
N ILE A 302 -18.47 10.03 -5.46
CA ILE A 302 -17.51 9.56 -4.48
C ILE A 302 -16.06 9.70 -4.95
N LEU A 303 -15.21 10.09 -3.98
CA LEU A 303 -13.77 10.28 -4.03
C LEU A 303 -13.23 10.11 -2.62
N ALA A 304 -11.95 9.87 -2.49
CA ALA A 304 -11.35 9.73 -1.19
C ALA A 304 -10.11 10.59 -1.19
N THR A 305 -9.64 10.96 0.01
CA THR A 305 -8.42 11.75 0.17
C THR A 305 -7.58 11.15 1.28
N GLY A 306 -6.28 11.09 1.02
CA GLY A 306 -5.30 10.60 1.98
C GLY A 306 -4.49 11.75 2.55
N SER A 307 -4.45 11.85 3.87
CA SER A 307 -3.69 12.92 4.51
C SER A 307 -2.56 12.45 5.46
N ALA A 308 -1.75 13.46 5.88
CA ALA A 308 -0.67 13.39 6.85
C ALA A 308 -1.32 13.20 8.19
N ASP A 309 -2.61 13.59 8.29
CA ASP A 309 -3.41 13.42 9.49
C ASP A 309 -3.69 11.92 9.83
N LYS A 310 -3.04 10.98 9.12
CA LYS A 310 -3.11 9.52 9.33
C LYS A 310 -4.52 8.90 9.01
N THR A 311 -5.45 9.73 8.43
CA THR A 311 -6.80 9.27 8.06
C THR A 311 -7.09 9.42 6.58
N VAL A 312 -8.01 8.56 6.08
CA VAL A 312 -8.50 8.63 4.71
C VAL A 312 -9.88 9.26 4.82
N ALA A 313 -10.18 10.31 4.06
CA ALA A 313 -11.50 10.92 4.13
C ALA A 313 -12.35 10.58 2.94
N LEU A 314 -13.65 10.35 3.18
CA LEU A 314 -14.57 10.04 2.11
C LEU A 314 -15.46 11.25 1.77
N TRP A 315 -15.46 11.66 0.49
CA TRP A 315 -16.22 12.82 0.02
C TRP A 315 -17.21 12.51 -1.05
N ASP A 316 -18.37 13.23 -1.01
CA ASP A 316 -19.40 13.11 -2.04
C ASP A 316 -19.52 14.47 -2.70
N LEU A 317 -19.30 14.53 -4.02
CA LEU A 317 -19.35 15.77 -4.79
C LEU A 317 -20.68 16.48 -4.65
N ARG A 318 -21.75 15.72 -4.39
CA ARG A 318 -23.07 16.33 -4.29
C ARG A 318 -23.16 17.30 -3.12
N ASN A 319 -22.67 16.90 -1.94
CA ASN A 319 -22.61 17.79 -0.79
C ASN A 319 -21.23 17.71 -0.12
N LEU A 320 -20.39 18.75 -0.38
CA LEU A 320 -19.02 18.80 0.12
C LEU A 320 -18.92 19.45 1.54
N LYS A 321 -20.08 19.98 2.05
CA LYS A 321 -20.18 20.54 3.40
C LYS A 321 -20.10 19.43 4.50
N LEU A 322 -20.36 18.16 4.14
CA LEU A 322 -20.29 17.01 5.07
C LEU A 322 -19.17 15.99 4.72
N LYS A 323 -18.28 15.64 5.68
CA LYS A 323 -17.28 14.60 5.40
C LYS A 323 -18.01 13.30 5.73
N LEU A 324 -18.06 12.37 4.75
CA LEU A 324 -18.82 11.13 4.90
C LEU A 324 -18.25 10.19 5.92
N HIS A 325 -16.92 10.12 6.02
CA HIS A 325 -16.27 9.22 6.97
C HIS A 325 -14.77 9.42 6.90
N SER A 326 -14.07 9.04 8.00
CA SER A 326 -12.63 9.12 8.17
C SER A 326 -12.13 7.74 8.50
N PHE A 327 -11.34 7.14 7.58
CA PHE A 327 -10.78 5.78 7.70
C PHE A 327 -9.63 5.77 8.64
N GLU A 328 -9.89 5.27 9.81
CA GLU A 328 -8.84 5.28 10.79
C GLU A 328 -8.18 3.90 11.00
N SER A 329 -6.81 3.88 11.00
CA SER A 329 -5.94 2.74 11.29
C SER A 329 -4.46 3.02 11.03
N HIS A 330 -4.13 3.84 10.02
CA HIS A 330 -2.73 4.16 9.71
C HIS A 330 -2.01 4.81 10.89
N LYS A 331 -0.76 4.40 11.13
CA LYS A 331 -0.01 4.87 12.28
C LYS A 331 0.94 6.03 11.93
N ASP A 332 0.96 6.46 10.66
CA ASP A 332 1.78 7.55 10.11
C ASP A 332 1.17 8.06 8.79
N GLU A 333 1.67 9.21 8.24
CA GLU A 333 1.27 9.88 6.98
C GLU A 333 0.84 8.91 5.90
N ILE A 334 -0.20 9.29 5.13
CA ILE A 334 -0.69 8.45 4.01
C ILE A 334 -0.33 9.15 2.72
N PHE A 335 0.35 8.47 1.80
CA PHE A 335 0.76 9.11 0.56
C PHE A 335 0.05 8.61 -0.71
N GLN A 336 -0.55 7.40 -0.66
CA GLN A 336 -1.27 6.85 -1.81
C GLN A 336 -2.63 6.27 -1.41
N VAL A 337 -3.68 6.76 -2.03
CA VAL A 337 -5.03 6.30 -1.80
C VAL A 337 -5.58 5.94 -3.17
N GLN A 338 -6.00 4.69 -3.34
CA GLN A 338 -6.48 4.17 -4.62
C GLN A 338 -7.68 3.21 -4.53
N TRP A 339 -8.72 3.50 -5.34
CA TRP A 339 -9.89 2.65 -5.45
C TRP A 339 -9.63 1.41 -6.31
N SER A 340 -10.16 0.29 -5.83
CA SER A 340 -10.14 -1.01 -6.47
C SER A 340 -11.00 -0.89 -7.70
N PRO A 341 -10.47 -1.35 -8.86
CA PRO A 341 -11.23 -1.29 -10.10
C PRO A 341 -12.41 -2.25 -10.13
N HIS A 342 -12.29 -3.36 -9.48
CA HIS A 342 -13.29 -4.38 -9.56
C HIS A 342 -14.40 -4.24 -8.55
N ASN A 343 -14.18 -3.51 -7.44
CA ASN A 343 -15.22 -3.33 -6.41
C ASN A 343 -15.46 -1.89 -6.04
N GLU A 344 -16.73 -1.50 -6.07
CA GLU A 344 -17.21 -0.15 -5.79
C GLU A 344 -16.95 0.30 -4.35
N THR A 345 -16.94 -0.65 -3.39
CA THR A 345 -16.79 -0.34 -1.98
C THR A 345 -15.38 -0.56 -1.43
N ILE A 346 -14.43 -1.06 -2.28
CA ILE A 346 -13.04 -1.37 -1.87
C ILE A 346 -12.07 -0.26 -2.26
N LEU A 347 -11.18 0.08 -1.33
CA LEU A 347 -10.26 1.19 -1.38
C LEU A 347 -8.97 0.80 -0.67
N ALA A 348 -7.83 1.26 -1.16
CA ALA A 348 -6.60 0.94 -0.42
C ALA A 348 -5.72 2.14 -0.17
N SER A 349 -4.95 2.09 0.89
CA SER A 349 -4.10 3.20 1.27
C SER A 349 -2.74 2.70 1.72
N SER A 350 -1.68 3.44 1.36
CA SER A 350 -0.30 3.12 1.72
C SER A 350 0.44 4.37 2.21
N GLY A 351 1.19 4.23 3.30
CA GLY A 351 1.94 5.35 3.89
C GLY A 351 3.33 5.08 4.46
N THR A 352 3.71 5.89 5.46
CA THR A 352 5.01 5.81 6.09
C THR A 352 5.03 4.91 7.33
N ASP A 353 3.97 4.10 7.51
CA ASP A 353 3.89 3.14 8.62
C ASP A 353 4.28 1.75 8.11
N ARG A 354 4.75 1.69 6.83
CA ARG A 354 5.22 0.49 6.09
C ARG A 354 4.08 -0.51 5.85
N ARG A 355 2.82 -0.08 6.07
CA ARG A 355 1.67 -0.95 5.85
C ARG A 355 0.73 -0.37 4.80
N LEU A 356 0.02 -1.27 4.10
CA LEU A 356 -0.98 -0.96 3.08
C LEU A 356 -2.29 -1.52 3.63
N ASN A 357 -3.25 -0.63 3.83
CA ASN A 357 -4.55 -1.04 4.35
C ASN A 357 -5.59 -1.07 3.24
N VAL A 358 -6.49 -2.08 3.31
CA VAL A 358 -7.59 -2.33 2.38
C VAL A 358 -8.87 -2.14 3.17
N TRP A 359 -9.73 -1.26 2.69
CA TRP A 359 -10.97 -0.86 3.34
C TRP A 359 -12.21 -1.21 2.54
N ASP A 360 -13.24 -1.71 3.23
CA ASP A 360 -14.52 -1.98 2.61
C ASP A 360 -15.57 -1.03 3.23
N LEU A 361 -16.17 -0.16 2.38
CA LEU A 361 -17.16 0.79 2.89
C LEU A 361 -18.45 0.06 3.33
N SER A 362 -18.79 -1.07 2.66
CA SER A 362 -19.97 -1.85 3.01
C SER A 362 -19.92 -2.32 4.46
N LYS A 363 -18.69 -2.38 5.04
CA LYS A 363 -18.40 -2.79 6.41
C LYS A 363 -18.52 -1.66 7.46
N ILE A 364 -18.54 -0.37 7.03
CA ILE A 364 -18.69 0.79 7.93
C ILE A 364 -19.88 0.61 8.92
N GLY A 365 -19.56 0.74 10.21
CA GLY A 365 -20.50 0.65 11.32
C GLY A 365 -21.21 -0.68 11.45
N GLU A 366 -20.45 -1.78 11.38
CA GLU A 366 -20.96 -3.14 11.56
C GLU A 366 -20.69 -3.56 13.00
N GLU A 367 -21.63 -4.31 13.60
CA GLU A 367 -21.45 -4.80 14.97
C GLU A 367 -20.36 -5.87 15.05
N GLN A 368 -19.37 -5.65 15.94
CA GLN A 368 -18.22 -6.55 16.13
C GLN A 368 -18.20 -7.19 17.51
N SER A 369 -17.67 -8.41 17.62
CA SER A 369 -17.51 -9.06 18.93
C SER A 369 -16.34 -8.34 19.62
N PRO A 370 -16.18 -8.33 20.96
CA PRO A 370 -15.03 -7.61 21.54
C PRO A 370 -13.69 -8.09 20.96
N GLU A 371 -13.60 -9.41 20.69
CA GLU A 371 -12.48 -10.08 20.05
C GLU A 371 -12.28 -9.56 18.61
N ASP A 372 -13.37 -9.44 17.84
CA ASP A 372 -13.37 -8.94 16.47
C ASP A 372 -12.88 -7.49 16.48
N ALA A 373 -13.50 -6.66 17.32
CA ALA A 373 -13.18 -5.24 17.51
C ALA A 373 -11.68 -5.06 17.78
N GLU A 374 -11.11 -5.97 18.61
CA GLU A 374 -9.70 -6.01 19.00
C GLU A 374 -8.77 -5.80 17.83
N ASP A 375 -9.08 -6.42 16.68
CA ASP A 375 -8.23 -6.35 15.50
C ASP A 375 -8.28 -5.00 14.77
N GLY A 376 -9.47 -4.47 14.57
CA GLY A 376 -9.60 -3.18 13.91
C GLY A 376 -11.02 -2.78 13.61
N PRO A 377 -11.24 -1.56 13.04
CA PRO A 377 -12.62 -1.13 12.70
C PRO A 377 -13.26 -2.11 11.72
N PRO A 378 -14.61 -2.25 11.60
CA PRO A 378 -15.13 -3.28 10.69
C PRO A 378 -14.76 -3.01 9.22
N GLU A 379 -14.69 -1.69 8.87
CA GLU A 379 -14.32 -1.06 7.59
C GLU A 379 -12.91 -1.48 7.17
N LEU A 380 -12.03 -1.83 8.14
CA LEU A 380 -10.69 -2.28 7.82
C LEU A 380 -10.74 -3.73 7.43
N LEU A 381 -10.53 -4.00 6.13
CA LEU A 381 -10.59 -5.35 5.61
C LEU A 381 -9.25 -6.09 5.74
N PHE A 382 -8.13 -5.43 5.37
CA PHE A 382 -6.83 -6.07 5.36
C PHE A 382 -5.67 -5.10 5.60
N ILE A 383 -4.57 -5.64 6.14
CA ILE A 383 -3.30 -4.97 6.38
C ILE A 383 -2.23 -5.81 5.68
N HIS A 384 -1.42 -5.14 4.83
CA HIS A 384 -0.30 -5.77 4.13
C HIS A 384 1.06 -5.45 4.84
N GLY A 385 1.52 -6.38 5.69
CA GLY A 385 2.75 -6.18 6.45
C GLY A 385 4.02 -6.72 5.84
N GLY A 386 4.04 -6.81 4.51
CA GLY A 386 5.16 -7.37 3.75
C GLY A 386 6.30 -6.46 3.42
N HIS A 387 6.12 -5.16 3.67
CA HIS A 387 7.14 -4.16 3.39
C HIS A 387 7.94 -3.79 4.65
N THR A 388 9.30 -3.74 4.53
CA THR A 388 10.16 -3.37 5.66
C THR A 388 10.52 -1.86 5.62
N ALA A 389 10.00 -1.15 4.60
CA ALA A 389 10.24 0.29 4.39
C ALA A 389 9.00 1.01 3.89
N LYS A 390 9.03 2.36 3.91
CA LYS A 390 7.92 3.19 3.45
C LYS A 390 7.51 2.79 2.04
N ILE A 391 6.20 2.54 1.83
CA ILE A 391 5.62 2.15 0.54
C ILE A 391 5.46 3.44 -0.28
N SER A 392 6.20 3.54 -1.41
CA SER A 392 6.18 4.70 -2.30
C SER A 392 4.91 4.70 -3.18
N ASP A 393 4.69 3.63 -3.94
CA ASP A 393 3.47 3.54 -4.73
C ASP A 393 2.89 2.16 -4.62
N PHE A 394 1.73 1.95 -5.26
CA PHE A 394 1.01 0.69 -5.35
C PHE A 394 -0.02 0.77 -6.44
N SER A 395 -0.32 -0.33 -7.10
CA SER A 395 -1.35 -0.32 -8.12
C SER A 395 -2.23 -1.56 -8.06
N TRP A 396 -3.56 -1.40 -8.19
CA TRP A 396 -4.49 -2.55 -8.25
C TRP A 396 -4.38 -3.10 -9.69
N ASN A 397 -4.26 -4.43 -9.87
CA ASN A 397 -4.14 -5.06 -11.20
C ASN A 397 -5.48 -4.93 -11.91
N PRO A 398 -5.55 -4.35 -13.13
CA PRO A 398 -6.86 -4.14 -13.77
C PRO A 398 -7.48 -5.38 -14.40
N ASN A 399 -6.72 -6.49 -14.39
CA ASN A 399 -7.14 -7.76 -14.98
C ASN A 399 -7.41 -8.86 -13.98
N GLU A 400 -6.70 -8.84 -12.87
CA GLU A 400 -6.87 -9.89 -11.87
C GLU A 400 -7.42 -9.31 -10.60
N PRO A 401 -8.75 -9.44 -10.35
CA PRO A 401 -9.32 -8.91 -9.11
C PRO A 401 -8.53 -9.22 -7.82
N TRP A 402 -8.27 -8.18 -7.02
CA TRP A 402 -7.59 -8.25 -5.73
C TRP A 402 -6.06 -8.38 -5.81
N VAL A 403 -5.49 -8.35 -7.02
CA VAL A 403 -4.03 -8.38 -7.16
C VAL A 403 -3.54 -6.92 -7.06
N ILE A 404 -2.53 -6.67 -6.20
CA ILE A 404 -1.95 -5.35 -5.96
C ILE A 404 -0.44 -5.42 -6.11
N CYS A 405 0.12 -4.34 -6.67
CA CYS A 405 1.56 -4.21 -6.75
C CYS A 405 1.99 -3.07 -5.85
N SER A 406 2.75 -3.34 -4.81
CA SER A 406 3.18 -2.29 -3.89
C SER A 406 4.69 -2.24 -3.84
N VAL A 407 5.25 -1.06 -4.17
CA VAL A 407 6.71 -0.85 -4.20
C VAL A 407 7.20 0.03 -3.04
N SER A 408 8.29 -0.38 -2.39
CA SER A 408 8.83 0.38 -1.25
C SER A 408 10.25 0.87 -1.51
N GLU A 409 10.72 1.85 -0.70
CA GLU A 409 12.07 2.42 -0.83
C GLU A 409 13.20 1.41 -0.59
N ASP A 410 12.91 0.26 0.04
CA ASP A 410 13.96 -0.73 0.27
C ASP A 410 14.25 -1.55 -1.01
N ASN A 411 13.70 -1.12 -2.17
CA ASN A 411 13.86 -1.71 -3.52
C ASN A 411 12.89 -2.85 -3.80
N ILE A 412 12.10 -3.21 -2.80
CA ILE A 412 11.20 -4.34 -2.93
C ILE A 412 9.93 -3.99 -3.67
N MET A 413 9.50 -4.94 -4.49
CA MET A 413 8.27 -4.93 -5.27
C MET A 413 7.55 -6.22 -4.94
N GLN A 414 6.31 -6.10 -4.50
CA GLN A 414 5.47 -7.23 -4.17
C GLN A 414 4.30 -7.26 -5.08
N VAL A 415 3.97 -8.45 -5.50
CA VAL A 415 2.82 -8.71 -6.32
C VAL A 415 2.05 -9.68 -5.42
N TRP A 416 1.06 -9.11 -4.73
CA TRP A 416 0.29 -9.88 -3.78
C TRP A 416 -1.18 -9.88 -4.07
N GLN A 417 -1.91 -10.79 -3.43
CA GLN A 417 -3.37 -10.99 -3.54
C GLN A 417 -3.79 -11.71 -2.25
N MET A 418 -4.70 -11.08 -1.50
CA MET A 418 -5.17 -11.62 -0.24
C MET A 418 -6.03 -12.87 -0.37
N ALA A 419 -6.01 -13.71 0.69
CA ALA A 419 -6.78 -14.95 0.80
C ALA A 419 -8.27 -14.69 0.54
N GLU A 420 -8.78 -15.31 -0.52
CA GLU A 420 -10.14 -15.15 -1.00
C GLU A 420 -11.15 -15.19 0.13
N ASN A 421 -10.99 -16.09 1.09
CA ASN A 421 -11.93 -16.20 2.20
C ASN A 421 -12.16 -14.90 2.92
N ILE A 422 -11.25 -13.91 2.78
CA ILE A 422 -11.35 -12.63 3.46
C ILE A 422 -12.53 -11.81 2.92
N TYR A 423 -12.71 -11.79 1.59
CA TYR A 423 -13.78 -11.05 0.92
C TYR A 423 -14.90 -11.94 0.30
N ASN A 424 -14.68 -13.25 0.16
CA ASN A 424 -15.65 -14.16 -0.44
C ASN A 424 -16.42 -14.98 0.57
N ASP A 425 -17.67 -15.29 0.20
CA ASP A 425 -18.62 -16.10 0.97
C ASP A 425 -19.10 -17.33 0.12
N GLU A 426 -19.03 -18.54 0.69
CA GLU A 426 -19.47 -19.77 0.02
C GLU A 426 -21.00 -19.89 0.00
N HIS B 8 16.98 -27.21 37.68
CA HIS B 8 17.69 -26.04 38.19
C HIS B 8 17.39 -24.86 37.31
N GLU B 9 17.23 -23.66 37.92
CA GLU B 9 16.89 -22.45 37.17
C GLU B 9 18.13 -21.86 36.45
N LEU B 10 18.49 -22.59 35.38
CA LEU B 10 19.52 -22.35 34.37
C LEU B 10 18.74 -22.33 33.04
N PHE B 11 17.45 -22.74 33.13
CA PHE B 11 16.45 -22.80 32.07
C PHE B 11 16.20 -21.41 31.38
N LEU B 12 16.42 -20.33 32.14
CA LEU B 12 16.26 -18.95 31.69
C LEU B 12 17.40 -18.59 30.73
N GLN B 13 18.50 -19.39 30.72
CA GLN B 13 19.62 -19.14 29.81
C GLN B 13 19.25 -19.53 28.38
N ALA B 14 18.27 -20.45 28.24
CA ALA B 14 17.72 -20.87 26.96
C ALA B 14 16.43 -20.08 26.70
N PHE B 15 15.51 -20.06 27.72
CA PHE B 15 14.25 -19.32 27.68
C PHE B 15 14.52 -17.86 28.14
N GLU B 16 13.49 -17.15 28.69
CA GLU B 16 13.59 -15.77 29.20
C GLU B 16 13.89 -14.74 28.09
N LYS B 17 15.06 -14.85 27.43
CA LYS B 17 15.46 -13.98 26.32
C LYS B 17 14.33 -14.00 25.26
N PRO B 18 13.89 -15.18 24.70
CA PRO B 18 12.79 -15.16 23.71
C PRO B 18 11.47 -14.64 24.31
N THR B 19 11.14 -15.07 25.55
CA THR B 19 9.95 -14.68 26.29
C THR B 19 9.84 -13.16 26.36
N GLN B 20 11.00 -12.48 26.52
CA GLN B 20 11.08 -11.03 26.57
C GLN B 20 10.90 -10.45 25.15
N ILE B 21 11.60 -11.04 24.12
CA ILE B 21 11.47 -10.55 22.74
C ILE B 21 9.99 -10.54 22.35
N TYR B 22 9.25 -11.57 22.75
CA TYR B 22 7.82 -11.70 22.50
C TYR B 22 6.97 -10.81 23.37
N ARG B 23 7.48 -10.45 24.58
CA ARG B 23 6.71 -9.54 25.44
C ARG B 23 6.90 -8.12 24.97
N PHE B 24 8.11 -7.80 24.48
CA PHE B 24 8.51 -6.51 23.91
C PHE B 24 7.61 -6.22 22.70
N LEU B 25 7.51 -7.21 21.81
CA LEU B 25 6.71 -7.13 20.60
C LEU B 25 5.21 -7.12 20.88
N ARG B 26 4.76 -7.54 22.09
CA ARG B 26 3.32 -7.54 22.39
C ARG B 26 2.76 -6.13 22.43
N THR B 27 3.52 -5.22 23.08
CA THR B 27 3.21 -3.81 23.24
C THR B 27 3.36 -3.10 21.89
N ARG B 28 4.47 -3.39 21.18
CA ARG B 28 4.84 -2.87 19.86
C ARG B 28 3.80 -3.22 18.74
N ASN B 29 3.39 -4.52 18.64
CA ASN B 29 2.42 -5.06 17.66
C ASN B 29 0.96 -4.62 17.94
N LEU B 30 0.61 -4.31 19.20
CA LEU B 30 -0.71 -3.81 19.57
C LEU B 30 -0.88 -2.43 18.90
N ILE B 31 0.18 -1.57 19.01
CA ILE B 31 0.34 -0.23 18.41
C ILE B 31 0.18 -0.28 16.88
N ALA B 32 1.02 -1.10 16.15
CA ALA B 32 0.99 -1.27 14.69
C ALA B 32 1.07 -2.75 14.25
N PRO B 33 -0.06 -3.32 13.77
CA PRO B 33 -0.06 -4.75 13.35
C PRO B 33 0.66 -5.10 12.03
N ILE B 34 1.05 -6.35 11.86
CA ILE B 34 1.66 -6.86 10.62
C ILE B 34 0.50 -7.43 9.77
N PHE B 35 -0.60 -7.75 10.48
CA PHE B 35 -1.83 -8.35 9.95
C PHE B 35 -2.89 -8.40 11.03
N LEU B 36 -4.13 -8.51 10.58
CA LEU B 36 -5.25 -8.64 11.50
C LEU B 36 -5.32 -10.11 11.77
N HIS B 37 -5.49 -10.47 13.04
CA HIS B 37 -5.57 -11.89 13.39
C HIS B 37 -6.77 -12.51 12.71
N ARG B 38 -7.88 -11.74 12.61
CA ARG B 38 -9.12 -12.16 11.98
C ARG B 38 -8.98 -12.50 10.49
N THR B 39 -7.96 -11.93 9.80
CA THR B 39 -7.72 -12.20 8.36
C THR B 39 -7.06 -13.61 8.12
N LEU B 40 -6.34 -14.15 9.14
CA LEU B 40 -5.69 -15.46 9.05
C LEU B 40 -6.69 -16.59 8.88
N THR B 41 -6.38 -17.54 7.99
CA THR B 41 -7.27 -18.67 7.69
C THR B 41 -7.56 -19.50 8.95
N TYR B 42 -6.59 -19.63 9.86
CA TYR B 42 -6.79 -20.43 11.07
C TYR B 42 -7.43 -19.66 12.20
N MET B 43 -7.63 -18.34 12.01
CA MET B 43 -8.21 -17.43 13.01
C MET B 43 -9.57 -16.90 12.64
N SER B 44 -10.07 -17.39 11.51
CA SER B 44 -11.37 -17.24 10.89
C SER B 44 -12.51 -16.82 11.86
N HIS B 45 -12.65 -17.54 13.01
CA HIS B 45 -13.67 -17.35 14.05
C HIS B 45 -13.60 -16.04 14.76
N ARG B 46 -12.41 -15.40 14.81
CA ARG B 46 -12.25 -14.07 15.42
C ARG B 46 -13.19 -13.08 14.78
N ASN B 47 -13.37 -13.17 13.44
CA ASN B 47 -14.29 -12.33 12.71
C ASN B 47 -15.68 -12.88 12.90
N SER B 48 -16.47 -12.13 13.67
CA SER B 48 -17.86 -12.38 14.03
C SER B 48 -18.82 -12.05 12.84
N ARG B 49 -18.41 -11.07 12.00
CA ARG B 49 -19.14 -10.56 10.85
C ARG B 49 -18.98 -11.42 9.56
N THR B 50 -19.78 -11.09 8.53
CA THR B 50 -19.83 -11.74 7.21
C THR B 50 -19.53 -10.73 6.05
N ASN B 51 -19.77 -11.16 4.78
CA ASN B 51 -19.56 -10.42 3.51
C ASN B 51 -20.84 -10.20 2.69
N ILE B 52 -22.04 -10.59 3.19
CA ILE B 52 -23.27 -10.46 2.39
C ILE B 52 -23.72 -8.99 2.20
N LYS B 53 -23.40 -8.08 3.16
CA LYS B 53 -23.75 -6.65 3.09
C LYS B 53 -23.17 -5.91 1.83
N ARG B 54 -22.22 -6.55 1.06
CA ARG B 54 -21.55 -5.92 -0.08
C ARG B 54 -22.34 -5.89 -1.41
N LYS B 55 -23.03 -7.00 -1.81
CA LYS B 55 -23.80 -7.01 -3.07
C LYS B 55 -25.13 -6.14 -3.01
N THR B 56 -25.45 -5.63 -1.81
CA THR B 56 -26.60 -4.80 -1.48
C THR B 56 -26.13 -3.36 -1.35
N PHE B 57 -24.84 -3.16 -0.99
CA PHE B 57 -24.25 -1.83 -0.74
C PHE B 57 -24.03 -1.01 -2.00
N LYS B 58 -24.51 0.27 -1.95
CA LYS B 58 -24.46 1.30 -2.99
C LYS B 58 -23.92 2.61 -2.38
N VAL B 59 -22.64 2.94 -2.69
CA VAL B 59 -21.90 4.09 -2.13
C VAL B 59 -22.60 5.42 -2.35
N ASP B 60 -23.47 5.52 -3.34
CA ASP B 60 -24.15 6.77 -3.56
C ASP B 60 -25.18 7.02 -2.46
N ASP B 61 -25.76 5.93 -1.89
CA ASP B 61 -26.77 6.02 -0.84
C ASP B 61 -26.22 6.47 0.53
N MET B 62 -24.87 6.49 0.68
CA MET B 62 -24.13 6.97 1.86
C MET B 62 -24.40 8.44 2.28
N LEU B 63 -24.34 9.42 1.35
CA LEU B 63 -24.63 10.85 1.69
C LEU B 63 -25.98 11.07 2.32
N SER B 64 -27.01 10.46 1.72
CA SER B 64 -28.40 10.52 2.15
C SER B 64 -28.49 10.18 3.64
N LYS B 65 -27.78 9.10 4.07
CA LYS B 65 -27.70 8.61 5.46
C LYS B 65 -27.00 9.61 6.39
N VAL B 66 -25.83 10.15 5.96
CA VAL B 66 -25.01 11.14 6.68
C VAL B 66 -25.83 12.41 6.91
N GLU B 67 -26.61 12.82 5.88
CA GLU B 67 -27.50 13.96 5.90
C GLU B 67 -28.65 13.73 6.90
N LYS B 68 -29.22 12.52 6.92
CA LYS B 68 -30.31 12.14 7.85
C LYS B 68 -29.82 12.20 9.30
N MET B 69 -28.61 11.66 9.55
CA MET B 69 -27.92 11.62 10.85
C MET B 69 -27.77 13.04 11.38
N LYS B 70 -27.17 13.91 10.56
CA LYS B 70 -26.91 15.31 10.85
C LYS B 70 -28.25 16.08 10.96
N GLY B 71 -29.29 15.61 10.26
CA GLY B 71 -30.64 16.19 10.27
C GLY B 71 -31.40 15.89 11.55
N GLU B 72 -31.24 14.65 12.06
CA GLU B 72 -31.83 14.14 13.31
C GLU B 72 -30.85 14.51 14.46
N GLN B 73 -30.65 15.84 14.63
CA GLN B 73 -29.80 16.55 15.58
C GLN B 73 -30.39 17.96 15.71
N GLU B 74 -31.17 18.15 16.77
CA GLU B 74 -31.91 19.39 17.07
C GLU B 74 -31.78 19.74 18.57
N VAL B 114 28.51 12.41 3.38
CA VAL B 114 27.81 12.36 2.08
C VAL B 114 26.47 13.16 2.14
N LYS B 115 26.34 14.20 1.29
CA LYS B 115 25.19 15.13 1.23
C LYS B 115 23.88 14.45 0.78
N VAL B 116 23.15 13.87 1.76
CA VAL B 116 21.85 13.23 1.56
C VAL B 116 20.75 14.07 2.21
N CYS B 117 19.89 14.64 1.35
CA CYS B 117 18.76 15.49 1.74
C CYS B 117 17.47 14.67 1.78
N HIS B 118 16.85 14.63 2.97
CA HIS B 118 15.61 13.91 3.25
C HIS B 118 14.38 14.77 2.94
N LYS B 119 13.92 14.68 1.67
CA LYS B 119 12.72 15.36 1.19
C LYS B 119 11.54 14.58 1.78
N LYS B 120 10.35 15.20 1.98
CA LYS B 120 9.20 14.51 2.59
C LYS B 120 8.70 13.28 1.82
N ARG B 121 8.89 13.27 0.48
CA ARG B 121 8.47 12.12 -0.33
C ARG B 121 9.58 11.10 -0.61
N LYS B 122 10.85 11.55 -0.78
CA LYS B 122 12.01 10.69 -1.07
C LYS B 122 13.27 11.11 -0.30
N ASP B 123 14.38 10.39 -0.51
CA ASP B 123 15.68 10.71 0.09
C ASP B 123 16.72 10.86 -1.04
N VAL B 124 16.94 12.10 -1.52
CA VAL B 124 17.88 12.38 -2.60
C VAL B 124 19.30 12.39 -2.07
N SER B 125 20.22 11.70 -2.77
CA SER B 125 21.63 11.60 -2.38
C SER B 125 22.51 12.74 -2.89
N SER B 167 15.75 25.82 7.52
CA SER B 167 16.11 24.41 7.73
C SER B 167 15.10 23.66 8.62
N HIS B 168 14.04 22.99 8.07
CA HIS B 168 13.60 22.79 6.67
C HIS B 168 14.50 21.80 5.89
N MET B 169 13.87 20.73 5.32
CA MET B 169 14.47 19.64 4.53
C MET B 169 15.72 19.07 5.19
N VAL B 170 15.52 18.12 6.13
CA VAL B 170 16.58 17.52 6.95
C VAL B 170 17.74 16.99 6.09
N LYS B 171 18.93 17.56 6.36
CA LYS B 171 20.21 17.27 5.74
C LYS B 171 20.96 16.28 6.63
N SER B 172 21.55 15.24 6.02
CA SER B 172 22.33 14.24 6.74
C SER B 172 23.73 14.12 6.12
N TYR B 173 24.76 14.06 6.97
CA TYR B 173 26.16 13.95 6.52
C TYR B 173 26.91 12.89 7.30
N SER B 174 27.39 11.85 6.60
CA SER B 174 28.20 10.77 7.17
C SER B 174 29.16 10.23 6.12
N LEU B 175 30.48 10.55 6.28
CA LEU B 175 31.57 10.15 5.39
C LEU B 175 32.43 9.06 6.02
N LYS B 293 -19.72 23.54 11.60
CA LYS B 293 -18.56 22.68 11.96
C LYS B 293 -17.72 22.24 10.74
N SER B 294 -16.39 22.50 10.79
CA SER B 294 -15.44 22.23 9.71
C SER B 294 -15.38 20.79 9.33
N THR B 295 -15.04 20.55 8.07
CA THR B 295 -14.91 19.25 7.48
C THR B 295 -13.60 18.61 7.94
N ALA B 296 -12.61 19.46 8.31
CA ALA B 296 -11.25 19.15 8.76
C ALA B 296 -11.11 18.05 9.83
N PRO B 297 -11.83 18.07 11.00
CA PRO B 297 -11.66 16.99 11.98
C PRO B 297 -12.25 15.65 11.56
N ILE B 298 -11.89 14.57 12.31
CA ILE B 298 -12.35 13.21 12.08
C ILE B 298 -13.88 13.11 12.15
N ALA B 299 -14.48 12.43 11.16
CA ALA B 299 -15.92 12.22 11.04
C ALA B 299 -16.18 10.74 10.83
N LYS B 300 -17.03 10.15 11.68
CA LYS B 300 -17.44 8.74 11.63
C LYS B 300 -18.97 8.67 11.86
N PRO B 301 -19.79 9.40 11.03
CA PRO B 301 -21.25 9.44 11.27
C PRO B 301 -22.00 8.13 11.06
N LEU B 302 -21.57 7.31 10.08
CA LEU B 302 -22.20 6.05 9.70
C LEU B 302 -21.84 4.86 10.60
N ALA B 303 -20.94 5.09 11.57
CA ALA B 303 -20.49 4.10 12.54
C ALA B 303 -21.29 4.32 13.84
N THR B 304 -20.77 5.19 14.76
CA THR B 304 -21.35 5.62 16.05
C THR B 304 -22.18 4.49 16.71
N GLN B 349 -16.42 -26.92 30.28
CA GLN B 349 -16.74 -25.55 29.81
C GLN B 349 -15.49 -24.66 29.73
N LYS B 350 -14.41 -25.07 30.45
CA LYS B 350 -13.12 -24.41 30.52
C LYS B 350 -12.06 -25.51 30.64
N LEU B 351 -11.25 -25.72 29.58
CA LEU B 351 -10.20 -26.75 29.61
C LEU B 351 -8.89 -26.16 30.15
N ARG B 352 -8.01 -27.06 30.61
CA ARG B 352 -6.68 -26.77 31.12
C ARG B 352 -5.67 -27.30 30.13
N ILE B 353 -4.79 -26.44 29.65
CA ILE B 353 -3.77 -26.89 28.72
C ILE B 353 -2.40 -26.77 29.39
N PHE B 354 -1.69 -27.90 29.50
CA PHE B 354 -0.39 -27.89 30.16
C PHE B 354 0.69 -27.58 29.15
N TYR B 355 1.64 -26.72 29.55
CA TYR B 355 2.81 -26.34 28.75
C TYR B 355 4.06 -26.90 29.44
N GLN B 356 4.65 -27.97 28.87
CA GLN B 356 5.88 -28.61 29.36
C GLN B 356 7.07 -27.92 28.66
N PHE B 357 7.95 -27.25 29.44
CA PHE B 357 9.11 -26.54 28.91
C PHE B 357 10.37 -27.40 28.97
N LEU B 358 10.98 -27.70 27.80
CA LEU B 358 12.19 -28.55 27.77
C LEU B 358 13.47 -27.73 27.55
N TYR B 359 14.54 -28.08 28.30
CA TYR B 359 15.84 -27.39 28.25
C TYR B 359 17.00 -28.36 28.44
N ASN B 360 17.88 -28.43 27.41
CA ASN B 360 19.03 -29.33 27.25
C ASN B 360 18.46 -30.74 27.14
N ASN B 361 17.65 -30.92 26.06
CA ASN B 361 16.82 -32.07 25.67
C ASN B 361 15.82 -32.45 26.78
N ASN B 362 16.31 -32.99 27.93
CA ASN B 362 15.58 -33.40 29.13
C ASN B 362 15.13 -32.20 29.99
N THR B 363 14.84 -32.43 31.31
CA THR B 363 14.40 -31.45 32.32
C THR B 363 13.16 -30.61 31.85
N ARG B 364 12.00 -30.91 32.44
CA ARG B 364 10.77 -30.24 32.10
C ARG B 364 10.16 -29.51 33.26
N GLN B 365 9.85 -28.22 33.05
CA GLN B 365 9.16 -27.34 33.99
C GLN B 365 7.77 -27.16 33.39
N GLN B 366 6.74 -27.68 34.08
CA GLN B 366 5.38 -27.68 33.55
C GLN B 366 4.47 -26.60 34.14
N THR B 367 4.09 -25.59 33.30
CA THR B 367 3.16 -24.51 33.67
C THR B 367 1.80 -24.73 32.93
N GLU B 368 0.68 -24.62 33.67
CA GLU B 368 -0.67 -24.83 33.15
C GLU B 368 -1.44 -23.52 33.12
N ALA B 369 -2.06 -23.22 31.96
CA ALA B 369 -2.88 -22.03 31.83
C ALA B 369 -4.29 -22.46 31.49
N ARG B 370 -5.05 -22.91 32.51
CA ARG B 370 -6.46 -23.31 32.45
C ARG B 370 -7.31 -22.18 31.87
N ASP B 371 -6.67 -20.99 31.70
CA ASP B 371 -7.16 -19.72 31.10
C ASP B 371 -7.60 -19.90 29.65
N ASP B 372 -7.96 -21.15 29.30
CA ASP B 372 -8.28 -21.61 27.97
C ASP B 372 -7.02 -21.49 27.11
N LEU B 373 -7.22 -21.41 25.81
CA LEU B 373 -6.24 -21.31 24.76
C LEU B 373 -5.89 -19.85 24.56
N HIS B 374 -5.16 -19.29 25.53
CA HIS B 374 -4.64 -17.93 25.49
C HIS B 374 -3.16 -18.09 25.33
N CYS B 375 -2.58 -17.19 24.56
CA CYS B 375 -1.19 -17.34 24.18
C CYS B 375 -0.28 -16.85 25.29
N PRO B 376 0.54 -17.77 25.85
CA PRO B 376 1.46 -17.40 26.93
C PRO B 376 2.50 -16.31 26.62
N TRP B 377 2.73 -16.01 25.34
CA TRP B 377 3.75 -15.03 25.01
C TRP B 377 3.17 -13.70 24.59
N CYS B 378 2.00 -13.68 23.90
CA CYS B 378 1.37 -12.43 23.39
C CYS B 378 -0.05 -12.14 23.95
N THR B 379 -0.47 -12.90 25.00
CA THR B 379 -1.75 -12.84 25.74
C THR B 379 -3.02 -13.14 24.90
N LEU B 380 -2.99 -12.99 23.53
CA LEU B 380 -4.08 -13.26 22.58
C LEU B 380 -4.89 -14.54 22.84
N ASN B 381 -6.25 -14.45 22.84
CA ASN B 381 -7.13 -15.60 23.03
C ASN B 381 -7.43 -16.30 21.70
N CYS B 382 -6.71 -17.39 21.47
CA CYS B 382 -6.78 -18.24 20.29
C CYS B 382 -8.11 -18.98 20.15
N ARG B 383 -8.91 -19.04 21.25
CA ARG B 383 -10.26 -19.58 21.39
C ARG B 383 -10.43 -21.06 21.03
N LYS B 384 -9.82 -21.53 19.93
CA LYS B 384 -9.84 -22.91 19.43
C LYS B 384 -8.44 -23.56 19.54
N LEU B 385 -8.39 -24.86 19.93
CA LEU B 385 -7.09 -25.52 20.11
C LEU B 385 -6.24 -25.63 18.82
N TYR B 386 -6.86 -25.93 17.63
CA TYR B 386 -6.10 -25.96 16.36
C TYR B 386 -5.37 -24.61 16.11
N SER B 387 -6.10 -23.49 16.34
CA SER B 387 -5.66 -22.10 16.15
C SER B 387 -4.48 -21.79 17.03
N LEU B 388 -4.57 -22.17 18.32
CA LEU B 388 -3.53 -21.95 19.32
C LEU B 388 -2.21 -22.52 18.86
N LEU B 389 -2.23 -23.78 18.39
CA LEU B 389 -1.03 -24.42 17.91
C LEU B 389 -0.44 -23.70 16.70
N LYS B 390 -1.27 -23.39 15.68
CA LYS B 390 -0.79 -22.64 14.52
C LYS B 390 -0.21 -21.31 15.01
N HIS B 391 -0.98 -20.56 15.84
CA HIS B 391 -0.56 -19.28 16.38
C HIS B 391 0.81 -19.35 16.99
N LEU B 392 0.99 -20.30 17.92
CA LEU B 392 2.24 -20.55 18.63
C LEU B 392 3.35 -20.89 17.64
N LYS B 393 3.12 -21.92 16.82
CA LYS B 393 4.03 -22.41 15.81
C LYS B 393 4.51 -21.32 14.84
N LEU B 394 3.64 -20.40 14.42
CA LEU B 394 4.03 -19.40 13.44
C LEU B 394 4.39 -18.01 13.98
N CYS B 395 3.72 -17.58 15.04
CA CYS B 395 4.00 -16.28 15.63
C CYS B 395 5.10 -16.32 16.67
N HIS B 396 5.57 -17.56 17.09
CA HIS B 396 6.59 -17.74 18.13
C HIS B 396 7.63 -18.80 17.74
N SER B 397 8.11 -18.75 16.47
CA SER B 397 9.11 -19.66 15.87
C SER B 397 10.45 -19.69 16.58
N ARG B 398 10.71 -18.80 17.58
CA ARG B 398 11.94 -18.89 18.38
C ARG B 398 11.89 -20.17 19.26
N PHE B 399 10.66 -20.71 19.37
CA PHE B 399 10.33 -21.91 20.10
C PHE B 399 9.79 -23.01 19.19
N ILE B 400 9.92 -24.26 19.67
CA ILE B 400 9.36 -25.40 18.98
C ILE B 400 8.25 -25.99 19.84
N PHE B 401 7.01 -25.97 19.29
CA PHE B 401 5.79 -26.41 19.98
C PHE B 401 5.36 -27.72 19.43
N ASN B 402 5.16 -28.70 20.33
CA ASN B 402 4.70 -30.06 19.98
C ASN B 402 3.53 -30.51 20.85
N TYR B 403 2.37 -30.70 20.21
CA TYR B 403 1.15 -31.07 20.89
C TYR B 403 1.09 -32.57 21.21
N VAL B 404 0.84 -32.87 22.48
CA VAL B 404 0.68 -34.22 22.98
C VAL B 404 -0.69 -34.28 23.67
N TYR B 405 -1.56 -35.22 23.24
CA TYR B 405 -2.84 -35.42 23.88
C TYR B 405 -2.65 -36.50 24.91
N HIS B 406 -3.42 -36.46 25.97
CA HIS B 406 -3.43 -37.46 27.03
C HIS B 406 -4.76 -37.28 27.77
N PRO B 407 -5.44 -38.33 28.28
CA PRO B 407 -6.68 -38.07 29.02
C PRO B 407 -6.31 -37.78 30.49
N LYS B 408 -5.96 -36.51 30.77
CA LYS B 408 -5.49 -36.02 32.07
C LYS B 408 -5.35 -34.47 32.07
N GLY B 409 -4.69 -33.87 31.07
CA GLY B 409 -4.05 -34.58 29.97
C GLY B 409 -3.33 -33.73 28.97
N ALA B 410 -4.08 -33.17 27.98
CA ALA B 410 -3.58 -32.36 26.86
C ALA B 410 -2.44 -31.47 27.25
N ARG B 411 -1.37 -31.49 26.44
CA ARG B 411 -0.12 -30.79 26.73
C ARG B 411 0.61 -30.25 25.46
N ILE B 412 1.29 -29.08 25.59
CA ILE B 412 2.11 -28.50 24.51
C ILE B 412 3.56 -28.46 24.98
N ASP B 413 4.42 -29.32 24.38
CA ASP B 413 5.85 -29.44 24.65
C ASP B 413 6.59 -28.32 23.94
N VAL B 414 7.07 -27.33 24.74
CA VAL B 414 7.78 -26.13 24.27
C VAL B 414 9.26 -26.31 24.45
N SER B 415 10.01 -26.21 23.34
CA SER B 415 11.47 -26.33 23.32
C SER B 415 12.03 -25.08 22.65
N ILE B 416 13.37 -24.95 22.57
CA ILE B 416 13.97 -23.79 21.93
C ILE B 416 14.40 -24.13 20.54
N ASN B 417 13.82 -23.47 19.54
CA ASN B 417 14.17 -23.69 18.14
C ASN B 417 15.66 -23.46 17.94
N GLU B 418 16.32 -24.38 17.19
CA GLU B 418 17.76 -24.34 16.97
C GLU B 418 18.20 -23.94 15.55
N CYS B 419 17.26 -23.38 14.73
CA CYS B 419 17.54 -22.98 13.35
C CYS B 419 16.85 -21.63 13.03
N TYR B 420 17.05 -20.61 13.90
CA TYR B 420 16.34 -19.32 13.76
C TYR B 420 16.96 -18.31 12.74
N ASP B 421 18.21 -17.85 13.00
CA ASP B 421 19.01 -16.94 12.15
C ASP B 421 20.49 -16.97 12.54
N GLY B 436 14.89 -9.65 1.26
CA GLY B 436 13.85 -8.65 1.44
C GLY B 436 13.65 -8.14 2.86
N PHE B 437 14.74 -8.04 3.62
CA PHE B 437 14.75 -7.58 5.02
C PHE B 437 15.04 -6.06 5.09
N ALA B 438 15.34 -5.54 6.30
CA ALA B 438 15.68 -4.14 6.58
C ALA B 438 17.18 -4.00 6.79
N PHE B 439 17.74 -2.84 6.40
CA PHE B 439 19.18 -2.57 6.52
C PHE B 439 19.48 -1.05 6.63
N SER B 440 20.72 -0.73 7.05
CA SER B 440 21.18 0.64 7.20
C SER B 440 21.46 1.21 5.81
N ARG B 441 20.51 2.01 5.32
CA ARG B 441 20.60 2.65 4.01
C ARG B 441 20.50 4.15 4.22
N ASN B 442 21.36 4.92 3.54
CA ASN B 442 21.36 6.38 3.64
C ASN B 442 20.33 6.99 2.70
N GLY B 443 20.48 6.71 1.40
CA GLY B 443 19.56 7.13 0.35
C GLY B 443 19.25 5.94 -0.54
N PRO B 444 19.29 6.08 -1.88
CA PRO B 444 19.08 4.90 -2.75
C PRO B 444 20.28 3.93 -2.68
N VAL B 445 20.01 2.63 -2.91
CA VAL B 445 20.99 1.55 -2.82
C VAL B 445 20.81 0.59 -4.01
N LYS B 446 21.92 0.15 -4.62
CA LYS B 446 21.84 -0.82 -5.71
C LYS B 446 21.76 -2.19 -5.08
N ARG B 447 20.89 -3.06 -5.62
CA ARG B 447 20.69 -4.44 -5.14
C ARG B 447 20.80 -5.44 -6.31
N THR B 448 20.95 -6.74 -6.01
CA THR B 448 21.01 -7.77 -7.04
C THR B 448 19.59 -8.33 -7.23
N PRO B 449 18.95 -8.06 -8.39
CA PRO B 449 17.56 -8.52 -8.62
C PRO B 449 17.33 -10.00 -8.39
N ILE B 450 16.26 -10.35 -7.66
CA ILE B 450 15.92 -11.75 -7.37
C ILE B 450 14.44 -11.86 -6.93
N THR B 451 13.68 -12.70 -7.65
CA THR B 451 12.26 -12.96 -7.40
C THR B 451 12.15 -14.09 -6.38
N HIS B 452 10.98 -14.25 -5.78
CA HIS B 452 10.68 -15.24 -4.74
C HIS B 452 9.17 -15.40 -4.68
N ILE B 453 8.67 -16.62 -4.74
CA ILE B 453 7.21 -16.81 -4.63
C ILE B 453 6.94 -17.37 -3.25
N LEU B 454 6.44 -16.52 -2.35
CA LEU B 454 6.18 -16.99 -0.99
C LEU B 454 4.91 -17.83 -0.86
N VAL B 455 3.84 -17.47 -1.61
CA VAL B 455 2.52 -18.13 -1.59
C VAL B 455 2.00 -18.24 -3.02
N CYS B 456 1.35 -19.37 -3.35
CA CYS B 456 0.69 -19.57 -4.63
C CYS B 456 -0.42 -20.63 -4.57
N ARG B 457 -1.67 -20.21 -4.26
CA ARG B 457 -2.75 -21.17 -4.08
C ARG B 457 -3.64 -21.33 -5.29
N PRO B 458 -3.87 -22.62 -5.71
CA PRO B 458 -4.72 -22.88 -6.92
C PRO B 458 -6.19 -22.46 -6.77
ZN ZN C . 1.36 -15.19 20.76
#